data_9LL4
#
_entry.id   9LL4
#
_cell.length_a   51.229
_cell.length_b   39.026
_cell.length_c   65.099
_cell.angle_alpha   90.000
_cell.angle_beta   102.108
_cell.angle_gamma   90.000
#
_symmetry.space_group_name_H-M   'P 1 21 1'
#
loop_
_entity.id
_entity.type
_entity.pdbx_description
1 polymer 'Copper resistance protein'
2 non-polymer 'SILVER ION'
3 non-polymer 'SULFATE ION'
4 water water
#
_entity_poly.entity_id   1
_entity_poly.type   'polypeptide(L)'
_entity_poly.pdbx_seq_one_letter_code
;SAKDPWEQTLKANDLEVKIKSVGNPIKGDNTFVLSPTLKGKALEKAIVRVQFMMPEMPGMPAMKEMAQVSEKNGLYEAKT
NLSMNGTWQVRVDIKSKEGEVYRAKTSLDL
;
_entity_poly.pdbx_strand_id   A,B
#
loop_
_chem_comp.id
_chem_comp.type
_chem_comp.name
_chem_comp.formula
AG non-polymer 'SILVER ION' 'Ag 1'
SO4 non-polymer 'SULFATE ION' 'O4 S -2'
#
# COMPACT_ATOMS: atom_id res chain seq x y z
N PRO A 5 2.33 12.97 12.25
CA PRO A 5 2.41 13.56 10.91
C PRO A 5 3.51 12.94 10.05
N TRP A 6 3.19 12.78 8.76
CA TRP A 6 4.09 12.18 7.78
C TRP A 6 5.18 13.15 7.39
N GLU A 7 6.42 12.67 7.35
CA GLU A 7 7.55 13.53 7.04
C GLU A 7 8.61 12.70 6.35
N GLN A 8 9.13 13.22 5.24
CA GLN A 8 10.17 12.49 4.51
C GLN A 8 11.12 13.48 3.85
N THR A 9 12.37 13.06 3.73
CA THR A 9 13.41 13.81 3.02
C THR A 9 13.92 12.97 1.86
N LEU A 10 13.78 13.50 0.65
CA LEU A 10 14.19 12.81 -0.58
C LEU A 10 15.38 13.52 -1.20
N LYS A 11 16.15 12.79 -2.00
CA LYS A 11 17.30 13.32 -2.70
C LYS A 11 17.10 13.21 -4.21
N ALA A 12 17.26 14.34 -4.91
CA ALA A 12 17.14 14.39 -6.36
C ALA A 12 18.34 15.15 -6.92
N ASN A 13 19.37 14.41 -7.35
CA ASN A 13 20.64 14.98 -7.84
C ASN A 13 21.16 15.90 -6.74
N ASP A 14 21.46 17.17 -7.03
CA ASP A 14 21.99 18.06 -6.01
C ASP A 14 20.92 18.64 -5.10
N LEU A 15 19.65 18.27 -5.29
CA LEU A 15 18.54 18.88 -4.58
C LEU A 15 17.98 17.96 -3.51
N GLU A 16 17.66 18.54 -2.36
CA GLU A 16 17.00 17.83 -1.28
C GLU A 16 15.57 18.34 -1.21
N VAL A 17 14.61 17.42 -1.12
CA VAL A 17 13.19 17.76 -1.08
C VAL A 17 12.62 17.19 0.21
N LYS A 18 12.22 18.07 1.12
CA LYS A 18 11.55 17.69 2.35
C LYS A 18 10.04 17.80 2.13
N ILE A 19 9.30 16.76 2.51
CA ILE A 19 7.84 16.77 2.40
C ILE A 19 7.25 16.49 3.76
N LYS A 20 6.25 17.27 4.15
CA LYS A 20 5.64 17.10 5.46
C LYS A 20 4.15 17.36 5.32
N SER A 21 3.33 16.46 5.88
CA SER A 21 1.90 16.67 5.87
C SER A 21 1.51 17.66 6.96
N VAL A 22 0.42 18.38 6.71
CA VAL A 22 -0.17 19.27 7.71
C VAL A 22 -1.11 18.40 8.54
N GLY A 23 -0.68 18.03 9.74
CA GLY A 23 -1.43 17.11 10.54
C GLY A 23 -1.14 15.68 10.14
N ASN A 24 -1.93 14.79 10.69
CA ASN A 24 -1.83 13.37 10.38
C ASN A 24 -2.59 13.08 9.09
N PRO A 25 -1.96 12.45 8.09
CA PRO A 25 -2.68 12.16 6.85
C PRO A 25 -3.79 11.16 7.10
N ILE A 26 -4.98 11.49 6.61
CA ILE A 26 -6.13 10.60 6.72
C ILE A 26 -6.90 10.68 5.41
N LYS A 27 -7.78 9.70 5.20
CA LYS A 27 -8.61 9.68 4.00
C LYS A 27 -9.44 10.97 3.91
N GLY A 28 -9.39 11.60 2.74
CA GLY A 28 -10.05 12.88 2.51
C GLY A 28 -9.07 13.97 2.15
N ASP A 29 -9.41 15.19 2.58
CA ASP A 29 -8.58 16.36 2.26
C ASP A 29 -7.23 16.28 2.99
N ASN A 30 -6.15 16.55 2.25
CA ASN A 30 -4.81 16.52 2.82
C ASN A 30 -3.99 17.65 2.24
N THR A 31 -3.14 18.24 3.09
CA THR A 31 -2.23 19.29 2.69
C THR A 31 -0.80 18.88 3.05
N PHE A 32 0.11 19.09 2.11
CA PHE A 32 1.52 18.79 2.31
C PHE A 32 2.32 20.05 2.02
N VAL A 33 3.43 20.21 2.74
CA VAL A 33 4.35 21.32 2.53
C VAL A 33 5.66 20.73 2.04
N LEU A 34 6.16 21.24 0.92
CA LEU A 34 7.40 20.77 0.32
C LEU A 34 8.42 21.88 0.40
N SER A 35 9.63 21.52 0.84
CA SER A 35 10.74 22.46 0.99
C SER A 35 11.93 21.96 0.18
N PRO A 36 12.02 22.30 -1.11
CA PRO A 36 13.20 21.90 -1.89
C PRO A 36 14.35 22.88 -1.64
N THR A 37 15.53 22.33 -1.35
CA THR A 37 16.70 23.14 -1.06
C THR A 37 17.92 22.65 -1.80
N LEU A 38 18.81 23.58 -2.12
CA LEU A 38 20.09 23.32 -2.77
C LEU A 38 21.17 23.86 -1.83
N LYS A 39 21.88 22.96 -1.15
CA LYS A 39 22.91 23.33 -0.17
C LYS A 39 22.34 24.26 0.89
N GLY A 40 21.10 24.00 1.32
CA GLY A 40 20.46 24.84 2.31
C GLY A 40 19.72 26.03 1.75
N LYS A 41 19.88 26.35 0.47
CA LYS A 41 19.20 27.48 -0.14
C LYS A 41 17.85 27.03 -0.66
N ALA A 42 16.79 27.68 -0.21
CA ALA A 42 15.45 27.34 -0.67
C ALA A 42 15.32 27.64 -2.17
N LEU A 43 14.70 26.71 -2.88
CA LEU A 43 14.48 26.86 -4.32
C LEU A 43 13.21 27.67 -4.52
N GLU A 44 13.36 28.93 -4.91
CA GLU A 44 12.22 29.83 -5.08
C GLU A 44 11.87 29.99 -6.55
N LYS A 45 10.57 30.25 -6.79
CA LYS A 45 10.03 30.47 -8.13
C LYS A 45 10.18 29.24 -9.03
N ALA A 46 10.11 28.05 -8.43
CA ALA A 46 10.18 26.81 -9.19
C ALA A 46 8.78 26.32 -9.53
N ILE A 47 8.70 25.49 -10.57
CA ILE A 47 7.47 24.82 -10.95
C ILE A 47 7.44 23.48 -10.24
N VAL A 48 6.51 23.31 -9.29
CA VAL A 48 6.42 22.11 -8.47
C VAL A 48 5.09 21.41 -8.75
N ARG A 49 5.16 20.13 -9.15
CA ARG A 49 4.00 19.29 -9.38
C ARG A 49 4.10 18.05 -8.49
N VAL A 50 2.98 17.67 -7.87
CA VAL A 50 2.93 16.51 -6.99
C VAL A 50 1.77 15.62 -7.43
N GLN A 51 2.06 14.36 -7.70
CA GLN A 51 1.05 13.39 -8.16
C GLN A 51 0.93 12.25 -7.15
N PHE A 52 -0.31 11.90 -6.82
CA PHE A 52 -0.62 10.76 -5.96
C PHE A 52 -1.38 9.73 -6.78
N MET A 53 -0.96 8.46 -6.72
CA MET A 53 -1.67 7.47 -7.52
C MET A 53 -1.66 6.11 -6.85
N MET A 54 -2.75 5.38 -7.07
CA MET A 54 -2.89 3.99 -6.66
C MET A 54 -3.01 3.13 -7.90
N PRO A 55 -2.15 2.12 -8.10
CA PRO A 55 -2.24 1.30 -9.31
C PRO A 55 -3.44 0.36 -9.24
N GLU A 56 -3.76 -0.19 -10.41
CA GLU A 56 -4.85 -1.15 -10.54
C GLU A 56 -4.67 -2.32 -9.57
N MET A 57 -5.74 -2.66 -8.88
CA MET A 57 -5.75 -3.72 -7.88
C MET A 57 -6.99 -4.57 -8.06
N PRO A 58 -6.99 -5.80 -7.54
CA PRO A 58 -8.26 -6.55 -7.42
C PRO A 58 -9.26 -5.76 -6.59
N GLY A 59 -10.41 -5.47 -7.19
CA GLY A 59 -11.41 -4.71 -6.47
C GLY A 59 -11.21 -3.22 -6.47
N MET A 60 -10.21 -2.69 -7.18
CA MET A 60 -10.00 -1.25 -7.22
C MET A 60 -9.46 -0.79 -8.57
N PRO A 61 -10.19 0.05 -9.30
CA PRO A 61 -9.64 0.61 -10.54
C PRO A 61 -8.60 1.67 -10.25
N ALA A 62 -7.66 1.83 -11.18
CA ALA A 62 -6.57 2.78 -10.99
C ALA A 62 -7.09 4.20 -10.84
N MET A 63 -6.40 4.98 -9.99
CA MET A 63 -6.75 6.39 -9.78
C MET A 63 -5.49 7.22 -9.62
N LYS A 64 -5.54 8.45 -10.14
CA LYS A 64 -4.44 9.39 -10.07
C LYS A 64 -4.99 10.76 -9.66
N GLU A 65 -4.28 11.44 -8.76
CA GLU A 65 -4.67 12.76 -8.29
C GLU A 65 -3.49 13.72 -8.40
N MET A 66 -3.69 14.84 -9.08
CA MET A 66 -2.68 15.88 -9.18
C MET A 66 -2.99 16.97 -8.16
N ALA A 67 -2.04 17.25 -7.28
CA ALA A 67 -2.26 18.23 -6.24
C ALA A 67 -2.29 19.65 -6.79
N GLN A 68 -3.00 20.53 -6.09
CA GLN A 68 -2.96 21.95 -6.36
C GLN A 68 -1.84 22.55 -5.51
N VAL A 69 -0.85 23.15 -6.18
CA VAL A 69 0.38 23.61 -5.53
C VAL A 69 0.48 25.13 -5.61
N SER A 70 0.87 25.75 -4.49
CA SER A 70 1.11 27.19 -4.43
C SER A 70 2.39 27.45 -3.66
N GLU A 71 3.08 28.53 -4.01
CA GLU A 71 4.38 28.90 -3.44
C GLU A 71 4.30 30.07 -2.46
N LYS A 72 5.05 29.95 -1.35
CA LYS A 72 5.18 31.02 -0.35
C LYS A 72 6.66 31.10 0.05
N ASN A 73 7.44 31.85 -0.73
CA ASN A 73 8.85 32.11 -0.45
C ASN A 73 9.64 30.82 -0.24
N GLY A 74 9.65 29.98 -1.26
CA GLY A 74 10.39 28.74 -1.19
C GLY A 74 9.68 27.58 -0.54
N LEU A 75 8.52 27.77 0.08
CA LEU A 75 7.74 26.65 0.57
C LEU A 75 6.57 26.45 -0.37
N TYR A 76 6.30 25.20 -0.70
CA TYR A 76 5.26 24.85 -1.65
C TYR A 76 4.19 24.05 -0.92
N GLU A 77 2.96 24.56 -0.96
CA GLU A 77 1.82 23.92 -0.32
C GLU A 77 1.08 23.11 -1.37
N ALA A 78 0.93 21.80 -1.14
CA ALA A 78 0.26 20.90 -2.06
C ALA A 78 -1.02 20.39 -1.40
N LYS A 79 -2.16 20.73 -1.98
CA LYS A 79 -3.45 20.30 -1.47
C LYS A 79 -4.06 19.25 -2.38
N THR A 80 -4.61 18.20 -1.78
CA THR A 80 -5.18 17.11 -2.56
C THR A 80 -6.26 16.42 -1.74
N ASN A 81 -7.03 15.57 -2.41
CA ASN A 81 -8.04 14.73 -1.75
C ASN A 81 -7.71 13.29 -2.05
N LEU A 82 -7.36 12.53 -1.02
CA LEU A 82 -7.06 11.10 -1.14
C LEU A 82 -8.28 10.32 -0.68
N SER A 83 -9.03 9.76 -1.64
CA SER A 83 -10.35 9.17 -1.40
C SER A 83 -10.32 7.81 -0.73
N MET A 84 -9.17 7.15 -0.61
CA MET A 84 -9.16 5.80 -0.07
C MET A 84 -7.95 5.58 0.83
N ASN A 85 -8.10 4.65 1.77
CA ASN A 85 -6.94 4.17 2.49
C ASN A 85 -6.19 3.21 1.59
N GLY A 86 -4.93 2.97 1.91
CA GLY A 86 -4.06 2.12 1.13
C GLY A 86 -2.79 2.85 0.78
N THR A 87 -1.99 2.22 -0.07
CA THR A 87 -0.69 2.78 -0.47
C THR A 87 -0.85 3.69 -1.68
N TRP A 88 -0.38 4.93 -1.54
CA TRP A 88 -0.40 5.91 -2.61
C TRP A 88 1.03 6.16 -3.08
N GLN A 89 1.27 6.03 -4.38
CA GLN A 89 2.57 6.39 -4.93
C GLN A 89 2.63 7.90 -5.08
N VAL A 90 3.73 8.51 -4.64
CA VAL A 90 3.91 9.96 -4.66
C VAL A 90 5.04 10.28 -5.62
N ARG A 91 4.78 11.17 -6.57
CA ARG A 91 5.79 11.60 -7.53
C ARG A 91 5.88 13.12 -7.51
N VAL A 92 7.06 13.64 -7.20
CA VAL A 92 7.32 15.08 -7.14
C VAL A 92 8.17 15.46 -8.35
N ASP A 93 7.68 16.40 -9.14
CA ASP A 93 8.38 16.92 -10.31
C ASP A 93 8.66 18.39 -10.11
N ILE A 94 9.92 18.79 -10.24
CA ILE A 94 10.33 20.18 -10.03
C ILE A 94 11.14 20.66 -11.22
N LYS A 95 10.82 21.86 -11.71
CA LYS A 95 11.63 22.56 -12.70
C LYS A 95 12.03 23.90 -12.11
N SER A 96 13.32 24.10 -11.89
CA SER A 96 13.74 25.34 -11.24
C SER A 96 13.68 26.51 -12.23
N LYS A 97 13.74 27.72 -11.66
CA LYS A 97 13.77 28.92 -12.49
C LYS A 97 15.00 28.93 -13.38
N GLU A 98 16.11 28.38 -12.89
CA GLU A 98 17.35 28.32 -13.65
C GLU A 98 17.36 27.21 -14.70
N GLY A 99 16.33 26.37 -14.76
CA GLY A 99 16.19 25.37 -15.81
C GLY A 99 16.47 23.93 -15.43
N GLU A 100 16.85 23.64 -14.19
CA GLU A 100 17.10 22.28 -13.76
C GLU A 100 15.80 21.50 -13.55
N VAL A 101 15.80 20.23 -13.94
CA VAL A 101 14.62 19.37 -13.83
C VAL A 101 14.95 18.26 -12.85
N TYR A 102 14.06 18.04 -11.88
CA TYR A 102 14.25 17.03 -10.86
C TYR A 102 13.01 16.18 -10.72
N ARG A 103 13.19 14.95 -10.25
CA ARG A 103 12.07 14.07 -9.97
C ARG A 103 12.43 13.21 -8.77
N ALA A 104 11.52 13.14 -7.81
CA ALA A 104 11.69 12.30 -6.63
C ALA A 104 10.41 11.50 -6.44
N LYS A 105 10.56 10.29 -5.91
CA LYS A 105 9.44 9.39 -5.70
C LYS A 105 9.42 8.89 -4.27
N THR A 106 8.22 8.67 -3.74
CA THR A 106 8.07 8.05 -2.44
C THR A 106 6.68 7.44 -2.38
N SER A 107 6.26 7.03 -1.19
CA SER A 107 4.96 6.42 -1.06
C SER A 107 4.37 6.82 0.27
N LEU A 108 3.04 6.84 0.32
CA LEU A 108 2.32 7.23 1.52
C LEU A 108 1.30 6.14 1.79
N ASP A 109 1.40 5.52 2.96
CA ASP A 109 0.51 4.44 3.32
C ASP A 109 -0.57 5.03 4.23
N LEU A 110 -1.78 5.11 3.71
CA LEU A 110 -2.89 5.70 4.45
C LEU A 110 -3.71 4.62 5.14
N PRO B 5 -17.27 -6.76 6.44
CA PRO B 5 -15.96 -7.41 6.42
C PRO B 5 -15.43 -7.65 5.01
N TRP B 6 -14.11 -7.61 4.86
CA TRP B 6 -13.49 -7.87 3.57
C TRP B 6 -13.65 -9.33 3.19
N GLU B 7 -14.04 -9.57 1.93
CA GLU B 7 -14.30 -10.94 1.49
C GLU B 7 -14.06 -11.06 0.00
N GLN B 8 -13.39 -12.13 -0.41
CA GLN B 8 -13.10 -12.38 -1.82
C GLN B 8 -13.09 -13.87 -2.10
N THR B 9 -13.40 -14.23 -3.34
CA THR B 9 -13.34 -15.60 -3.81
C THR B 9 -12.21 -15.67 -4.83
N LEU B 10 -11.20 -16.48 -4.52
CA LEU B 10 -9.99 -16.58 -5.32
C LEU B 10 -9.94 -17.90 -6.07
N LYS B 11 -9.21 -17.90 -7.17
CA LYS B 11 -8.99 -19.09 -7.97
C LYS B 11 -7.52 -19.44 -7.91
N ALA B 12 -7.21 -20.68 -7.51
CA ALA B 12 -5.83 -21.15 -7.38
C ALA B 12 -5.74 -22.46 -8.17
N ASN B 13 -5.30 -22.35 -9.43
CA ASN B 13 -5.28 -23.49 -10.35
C ASN B 13 -6.71 -24.03 -10.39
N ASP B 14 -6.93 -25.32 -10.14
CA ASP B 14 -8.27 -25.89 -10.14
C ASP B 14 -9.01 -25.69 -8.83
N LEU B 15 -8.42 -24.98 -7.88
CA LEU B 15 -8.96 -24.83 -6.53
C LEU B 15 -9.65 -23.49 -6.37
N GLU B 16 -10.74 -23.47 -5.60
CA GLU B 16 -11.46 -22.25 -5.24
C GLU B 16 -11.22 -21.94 -3.77
N VAL B 17 -10.82 -20.71 -3.47
CA VAL B 17 -10.51 -20.31 -2.10
C VAL B 17 -11.33 -19.07 -1.76
N LYS B 18 -12.27 -19.20 -0.83
CA LYS B 18 -12.99 -18.05 -0.30
C LYS B 18 -12.28 -17.56 0.95
N ILE B 19 -12.00 -16.26 1.02
CA ILE B 19 -11.32 -15.67 2.16
C ILE B 19 -12.16 -14.52 2.70
N LYS B 20 -12.28 -14.48 4.03
CA LYS B 20 -13.13 -13.50 4.70
C LYS B 20 -12.45 -13.02 5.97
N SER B 21 -12.43 -11.71 6.19
CA SER B 21 -11.90 -11.20 7.44
C SER B 21 -12.94 -11.33 8.53
N VAL B 22 -12.47 -11.56 9.76
CA VAL B 22 -13.31 -11.51 10.95
C VAL B 22 -13.26 -10.07 11.44
N GLY B 23 -14.29 -9.30 11.13
CA GLY B 23 -14.28 -7.87 11.40
C GLY B 23 -13.62 -7.11 10.26
N ASN B 24 -13.44 -5.82 10.49
CA ASN B 24 -12.78 -4.96 9.50
C ASN B 24 -11.27 -5.06 9.65
N PRO B 25 -10.54 -5.32 8.56
CA PRO B 25 -9.07 -5.38 8.65
C PRO B 25 -8.49 -4.02 9.03
N ILE B 26 -7.60 -4.02 10.02
CA ILE B 26 -6.95 -2.81 10.50
C ILE B 26 -5.50 -3.10 10.86
N LYS B 27 -4.73 -2.03 11.02
CA LYS B 27 -3.37 -2.15 11.52
C LYS B 27 -3.39 -2.84 12.87
N GLY B 28 -2.55 -3.86 13.04
CA GLY B 28 -2.51 -4.62 14.27
C GLY B 28 -2.94 -6.06 14.04
N ASP B 29 -3.60 -6.62 15.05
CA ASP B 29 -4.08 -7.99 14.99
C ASP B 29 -5.21 -8.15 13.99
N ASN B 30 -5.14 -9.21 13.19
CA ASN B 30 -6.15 -9.50 12.18
C ASN B 30 -6.40 -11.00 12.14
N THR B 31 -7.66 -11.38 11.90
CA THR B 31 -8.02 -12.78 11.73
C THR B 31 -8.77 -12.92 10.41
N PHE B 32 -8.36 -13.92 9.62
CA PHE B 32 -9.00 -14.25 8.36
C PHE B 32 -9.38 -15.72 8.37
N VAL B 33 -10.48 -16.04 7.70
CA VAL B 33 -10.95 -17.41 7.57
C VAL B 33 -10.92 -17.80 6.10
N LEU B 34 -10.35 -18.97 5.80
CA LEU B 34 -10.22 -19.48 4.44
C LEU B 34 -11.01 -20.78 4.26
N SER B 35 -11.74 -20.87 3.15
CA SER B 35 -12.55 -22.03 2.79
C SER B 35 -12.10 -22.54 1.43
N PRO B 36 -11.10 -23.44 1.38
CA PRO B 36 -10.65 -23.99 0.09
C PRO B 36 -11.46 -25.19 -0.37
N THR B 37 -11.88 -25.20 -1.63
CA THR B 37 -12.64 -26.32 -2.19
C THR B 37 -12.04 -26.71 -3.53
N LEU B 38 -12.13 -28.01 -3.83
CA LEU B 38 -11.64 -28.57 -5.08
C LEU B 38 -12.82 -29.26 -5.77
N LYS B 39 -13.32 -28.65 -6.83
CA LYS B 39 -14.51 -29.13 -7.54
C LYS B 39 -15.70 -29.25 -6.59
N GLY B 40 -15.79 -28.29 -5.66
CA GLY B 40 -16.86 -28.25 -4.69
C GLY B 40 -16.61 -29.02 -3.40
N LYS B 41 -15.59 -29.88 -3.36
CA LYS B 41 -15.28 -30.65 -2.17
C LYS B 41 -14.28 -29.89 -1.30
N ALA B 42 -14.65 -29.66 -0.04
CA ALA B 42 -13.77 -28.93 0.87
C ALA B 42 -12.47 -29.68 1.09
N LEU B 43 -11.36 -28.94 1.07
CA LEU B 43 -10.04 -29.51 1.29
C LEU B 43 -9.79 -29.62 2.79
N GLU B 44 -9.82 -30.83 3.31
CA GLU B 44 -9.60 -31.07 4.73
C GLU B 44 -8.21 -31.63 4.98
N LYS B 45 -7.67 -31.32 6.16
CA LYS B 45 -6.34 -31.78 6.59
C LYS B 45 -5.26 -31.30 5.63
N ALA B 46 -5.43 -30.10 5.07
CA ALA B 46 -4.45 -29.53 4.17
C ALA B 46 -3.47 -28.64 4.93
N ILE B 47 -2.29 -28.45 4.34
CA ILE B 47 -1.29 -27.52 4.86
C ILE B 47 -1.56 -26.18 4.19
N VAL B 48 -1.99 -25.19 4.98
CA VAL B 48 -2.35 -23.87 4.45
C VAL B 48 -1.40 -22.84 5.03
N ARG B 49 -0.73 -22.09 4.15
CA ARG B 49 0.16 -21.00 4.54
C ARG B 49 -0.34 -19.70 3.93
N VAL B 50 -0.32 -18.64 4.72
CA VAL B 50 -0.77 -17.33 4.25
C VAL B 50 0.31 -16.31 4.59
N GLN B 51 0.77 -15.58 3.56
CA GLN B 51 1.81 -14.56 3.72
C GLN B 51 1.21 -13.21 3.33
N PHE B 52 1.45 -12.20 4.17
CA PHE B 52 1.06 -10.83 3.89
C PHE B 52 2.34 -10.03 3.68
N MET B 53 2.40 -9.25 2.61
CA MET B 53 3.63 -8.51 2.39
C MET B 53 3.35 -7.21 1.65
N MET B 54 4.20 -6.22 1.92
CA MET B 54 4.24 -4.96 1.20
C MET B 54 5.52 -4.97 0.39
N PRO B 55 5.47 -4.84 -0.93
CA PRO B 55 6.69 -4.95 -1.72
C PRO B 55 7.57 -3.73 -1.58
N GLU B 56 8.85 -3.91 -1.93
CA GLU B 56 9.79 -2.80 -1.98
C GLU B 56 9.28 -1.72 -2.93
N MET B 57 9.31 -0.48 -2.48
CA MET B 57 8.78 0.63 -3.26
C MET B 57 9.54 1.87 -2.89
N PRO B 58 9.43 2.96 -3.68
CA PRO B 58 10.11 4.20 -3.31
C PRO B 58 9.79 4.61 -1.88
N GLY B 59 10.84 4.74 -1.07
CA GLY B 59 10.74 5.15 0.32
C GLY B 59 10.36 4.07 1.30
N MET B 60 10.20 2.81 0.87
CA MET B 60 9.80 1.77 1.83
C MET B 60 10.38 0.40 1.47
N PRO B 61 11.16 -0.20 2.37
CA PRO B 61 11.68 -1.55 2.10
C PRO B 61 10.59 -2.60 2.26
N ALA B 62 10.80 -3.73 1.56
CA ALA B 62 9.83 -4.81 1.61
C ALA B 62 9.67 -5.34 3.04
N MET B 63 8.44 -5.73 3.38
CA MET B 63 8.15 -6.34 4.67
C MET B 63 7.16 -7.47 4.47
N LYS B 64 7.34 -8.56 5.23
CA LYS B 64 6.49 -9.74 5.10
C LYS B 64 6.10 -10.25 6.47
N GLU B 65 4.85 -10.70 6.59
CA GLU B 65 4.32 -11.28 7.83
C GLU B 65 3.70 -12.62 7.50
N MET B 66 4.12 -13.66 8.22
CA MET B 66 3.58 -15.01 8.03
C MET B 66 2.49 -15.28 9.07
N ALA B 67 1.30 -15.61 8.60
CA ALA B 67 0.18 -15.85 9.51
C ALA B 67 0.34 -17.19 10.23
N GLN B 68 -0.24 -17.27 11.42
CA GLN B 68 -0.38 -18.54 12.13
C GLN B 68 -1.72 -19.14 11.70
N VAL B 69 -1.68 -20.34 11.11
CA VAL B 69 -2.87 -20.94 10.52
C VAL B 69 -3.24 -22.20 11.29
N SER B 70 -4.52 -22.34 11.61
CA SER B 70 -5.04 -23.52 12.28
C SER B 70 -6.37 -23.91 11.64
N GLU B 71 -6.71 -25.19 11.70
CA GLU B 71 -7.95 -25.68 11.11
C GLU B 71 -8.96 -25.82 12.23
N LYS B 72 -10.14 -25.22 12.05
CA LYS B 72 -11.19 -25.26 13.05
C LYS B 72 -12.53 -25.42 12.34
N ASN B 73 -13.25 -26.50 12.66
CA ASN B 73 -14.57 -26.77 12.11
C ASN B 73 -14.59 -26.68 10.58
N GLY B 74 -13.62 -27.34 9.96
CA GLY B 74 -13.57 -27.43 8.51
C GLY B 74 -13.07 -26.20 7.78
N LEU B 75 -12.82 -25.11 8.50
CA LEU B 75 -12.28 -23.84 8.01
C LEU B 75 -10.84 -23.65 8.48
N TYR B 76 -10.08 -22.82 7.75
CA TYR B 76 -8.71 -22.51 8.12
C TYR B 76 -8.64 -21.07 8.60
N GLU B 77 -8.21 -20.88 9.85
CA GLU B 77 -8.14 -19.58 10.49
C GLU B 77 -6.71 -19.04 10.45
N ALA B 78 -6.52 -17.87 9.85
CA ALA B 78 -5.20 -17.25 9.72
C ALA B 78 -5.15 -15.98 10.55
N LYS B 79 -4.27 -15.96 11.56
CA LYS B 79 -4.07 -14.80 12.42
C LYS B 79 -2.71 -14.18 12.15
N THR B 80 -2.68 -12.85 12.08
CA THR B 80 -1.44 -12.15 11.79
C THR B 80 -1.49 -10.76 12.39
N ASN B 81 -0.32 -10.11 12.42
CA ASN B 81 -0.19 -8.74 12.88
C ASN B 81 0.39 -7.93 11.72
N LEU B 82 -0.38 -6.97 11.23
CA LEU B 82 0.04 -6.10 10.14
C LEU B 82 0.56 -4.81 10.77
N SER B 83 1.87 -4.60 10.66
CA SER B 83 2.55 -3.56 11.42
C SER B 83 2.26 -2.14 10.95
N MET B 84 1.68 -1.97 9.75
CA MET B 84 1.39 -0.63 9.27
C MET B 84 0.18 -0.66 8.34
N ASN B 85 -0.39 0.52 8.15
CA ASN B 85 -1.45 0.75 7.17
C ASN B 85 -0.85 0.74 5.76
N GLY B 86 -1.73 0.63 4.77
CA GLY B 86 -1.31 0.61 3.39
C GLY B 86 -1.88 -0.61 2.69
N THR B 87 -1.42 -0.82 1.46
CA THR B 87 -1.88 -1.94 0.64
C THR B 87 -1.02 -3.16 0.96
N TRP B 88 -1.65 -4.26 1.35
CA TRP B 88 -0.96 -5.51 1.67
C TRP B 88 -1.29 -6.58 0.65
N GLN B 89 -0.25 -7.20 0.08
CA GLN B 89 -0.42 -8.35 -0.80
C GLN B 89 -0.65 -9.61 0.02
N VAL B 90 -1.56 -10.46 -0.44
CA VAL B 90 -1.92 -11.70 0.23
C VAL B 90 -1.57 -12.87 -0.68
N ARG B 91 -0.78 -13.80 -0.16
CA ARG B 91 -0.38 -15.00 -0.90
C ARG B 91 -0.82 -16.22 -0.11
N VAL B 92 -1.66 -17.06 -0.72
CA VAL B 92 -2.16 -18.28 -0.10
C VAL B 92 -1.49 -19.46 -0.80
N ASP B 93 -0.82 -20.30 -0.01
CA ASP B 93 -0.19 -21.53 -0.50
C ASP B 93 -0.83 -22.71 0.22
N ILE B 94 -1.33 -23.68 -0.55
CA ILE B 94 -2.04 -24.82 0.00
C ILE B 94 -1.42 -26.10 -0.52
N LYS B 95 -1.16 -27.04 0.38
CA LYS B 95 -0.76 -28.40 0.01
C LYS B 95 -1.80 -29.35 0.56
N SER B 96 -2.49 -30.04 -0.34
CA SER B 96 -3.57 -30.93 0.07
C SER B 96 -3.00 -32.19 0.72
N LYS B 97 -3.88 -32.97 1.35
CA LYS B 97 -3.46 -34.21 1.99
C LYS B 97 -2.82 -35.16 0.98
N GLU B 98 -3.31 -35.16 -0.26
CA GLU B 98 -2.75 -36.01 -1.30
C GLU B 98 -1.45 -35.48 -1.89
N GLY B 99 -1.03 -34.26 -1.53
CA GLY B 99 0.23 -33.74 -2.02
C GLY B 99 0.09 -32.71 -3.13
N GLU B 100 -1.13 -32.35 -3.50
CA GLU B 100 -1.34 -31.35 -4.54
C GLU B 100 -0.99 -29.97 -3.99
N VAL B 101 -0.38 -29.13 -4.82
CA VAL B 101 0.06 -27.80 -4.40
C VAL B 101 -0.68 -26.74 -5.19
N TYR B 102 -1.24 -25.75 -4.48
CA TYR B 102 -2.01 -24.68 -5.09
C TYR B 102 -1.55 -23.33 -4.54
N ARG B 103 -1.76 -22.27 -5.31
CA ARG B 103 -1.37 -20.93 -4.89
C ARG B 103 -2.35 -19.89 -5.42
N ALA B 104 -2.78 -18.96 -4.56
CA ALA B 104 -3.65 -17.85 -4.93
C ALA B 104 -3.09 -16.54 -4.37
N LYS B 105 -3.33 -15.45 -5.10
CA LYS B 105 -2.85 -14.13 -4.73
C LYS B 105 -3.99 -13.11 -4.77
N THR B 106 -3.92 -12.12 -3.87
CA THR B 106 -4.81 -10.97 -3.90
C THR B 106 -4.17 -9.85 -3.09
N SER B 107 -4.92 -8.77 -2.84
CA SER B 107 -4.41 -7.66 -2.05
C SER B 107 -5.57 -6.94 -1.36
N LEU B 108 -5.28 -6.28 -0.24
CA LEU B 108 -6.26 -5.51 0.52
C LEU B 108 -5.67 -4.20 1.00
N ASP B 109 -6.50 -3.17 1.07
CA ASP B 109 -6.11 -1.84 1.55
C ASP B 109 -6.48 -1.65 3.01
N LEU B 110 -5.48 -1.35 3.83
CA LEU B 110 -5.67 -1.03 5.26
C LEU B 110 -5.70 0.47 5.48
AG AG C . -7.48 3.75 -4.53
AG AG D . -6.49 -0.44 -3.74
AG AG E . 5.02 -1.44 4.78
AG AG F . 4.94 1.45 1.24
S SO4 G . 1.46 3.45 10.19
O1 SO4 G . 2.22 2.56 11.05
O2 SO4 G . 2.36 4.08 9.22
O3 SO4 G . 0.44 2.70 9.47
O4 SO4 G . 0.82 4.47 11.01
#